data_3TEG
#
_entry.id   3TEG
#
_cell.length_a   55.185
_cell.length_b   90.587
_cell.length_c   96.076
_cell.angle_alpha   90.00
_cell.angle_beta   90.00
_cell.angle_gamma   90.00
#
_symmetry.space_group_name_H-M   'P 21 21 21'
#
loop_
_entity.id
_entity.type
_entity.pdbx_description
1 polymer 'Phenylalanyl-tRNA synthetase, mitochondrial'
2 non-polymer 3,4-DIHYDROXYPHENYLALANINE
3 water water
#
_entity_poly.entity_id   1
_entity_poly.type   'polypeptide(L)'
_entity_poly.pdbx_seq_one_letter_code
;MAAECATQRAPGSVVELLGKSYPQDDHSNLTRKVLTRVGRNLHNQQHHPLWLIKERVKEHFYKQYVGRFGTPLFSVYDNL
SPVVTTWQNFDSLLIPADHPSRKKGDNYYLNRTHMLRAHTSAHQWDLLHAGLDAFLVVGDVYRRDQIDSQHYPIFHQLEA
VRLFSKHELFAGIKDGESLQLFEQSSRSAHKQETHTMEAVKLVEFDLKQTLTRLMAHLFGDELEIRWVDCYFPFTHPSFE
MEINFHGEWLEVLGCGVMEQQLVNSAGAQDRIGWAFGLGLERLAMILYDIPDIRLFWCEDERFLKQFCVSNINQKVKFQP
LSKYPAVINDISFWLPSENYAENDFYDLVRTIGGDLVEKVDLIDKFVHPKTHKTSHCYRITYRHMERTLSQREVRHIHQA
LQEAAVQLLGVEGRF
;
_entity_poly.pdbx_strand_id   A
#
# COMPACT_ATOMS: atom_id res chain seq x y z
N PRO A 11 -18.23 15.73 -5.37
CA PRO A 11 -18.23 17.14 -5.00
C PRO A 11 -19.57 17.58 -4.40
N GLY A 12 -19.58 18.04 -3.15
CA GLY A 12 -20.82 18.45 -2.51
C GLY A 12 -20.64 19.14 -1.16
N SER A 13 -21.41 18.71 -0.16
CA SER A 13 -21.31 19.25 1.19
C SER A 13 -21.50 18.19 2.27
N VAL A 14 -21.77 16.96 1.83
CA VAL A 14 -21.84 15.83 2.74
C VAL A 14 -21.61 14.50 2.02
N VAL A 15 -20.59 13.77 2.43
CA VAL A 15 -20.34 12.44 1.86
C VAL A 15 -20.94 11.34 2.72
N GLU A 16 -21.57 10.38 2.07
CA GLU A 16 -22.14 9.22 2.75
C GLU A 16 -21.33 7.99 2.39
N LEU A 17 -20.81 7.29 3.40
CA LEU A 17 -19.88 6.20 3.14
C LEU A 17 -20.05 5.13 4.19
N LEU A 18 -20.33 3.92 3.74
CA LEU A 18 -20.49 2.78 4.64
C LEU A 18 -21.48 3.11 5.75
N GLY A 19 -22.55 3.83 5.40
CA GLY A 19 -23.59 4.17 6.36
C GLY A 19 -23.34 5.40 7.22
N LYS A 20 -22.12 5.89 7.22
CA LYS A 20 -21.79 7.10 7.99
C LYS A 20 -21.67 8.34 7.08
N SER A 21 -21.86 9.51 7.69
CA SER A 21 -21.93 10.77 6.97
C SER A 21 -20.80 11.69 7.42
N TYR A 22 -20.15 12.35 6.46
CA TYR A 22 -19.02 13.22 6.76
C TYR A 22 -19.15 14.59 6.08
N PRO A 23 -18.99 15.67 6.87
CA PRO A 23 -19.08 17.04 6.32
C PRO A 23 -17.89 17.34 5.44
N GLN A 24 -18.11 18.08 4.36
CA GLN A 24 -17.03 18.41 3.42
C GLN A 24 -16.31 19.70 3.78
N ASP A 25 -15.05 19.81 3.36
CA ASP A 25 -14.26 21.00 3.59
C ASP A 25 -13.19 21.15 2.50
N ASP A 26 -12.24 22.06 2.74
CA ASP A 26 -11.18 22.35 1.77
C ASP A 26 -10.25 21.15 1.53
N HIS A 27 -10.34 20.13 2.38
CA HIS A 27 -9.53 18.93 2.22
C HIS A 27 -10.22 17.83 1.40
N SER A 28 -11.55 17.86 1.36
CA SER A 28 -12.31 16.78 0.75
C SER A 28 -11.97 16.60 -0.73
N ASN A 29 -11.74 15.36 -1.15
CA ASN A 29 -11.44 15.06 -2.55
C ASN A 29 -11.78 13.64 -2.96
N LEU A 30 -12.68 13.01 -2.22
CA LEU A 30 -13.11 11.66 -2.57
C LEU A 30 -13.87 11.73 -3.89
N THR A 31 -13.67 10.73 -4.75
CA THR A 31 -14.40 10.65 -6.02
C THR A 31 -15.44 9.54 -5.95
N ARG A 32 -16.48 9.64 -6.78
CA ARG A 32 -17.50 8.59 -6.85
C ARG A 32 -16.89 7.24 -7.22
N LYS A 33 -15.92 7.25 -8.13
CA LYS A 33 -15.28 6.02 -8.60
C LYS A 33 -14.64 5.22 -7.46
N VAL A 34 -13.98 5.93 -6.54
CA VAL A 34 -13.41 5.29 -5.36
C VAL A 34 -14.51 4.68 -4.49
N LEU A 35 -15.62 5.39 -4.42
CA LEU A 35 -16.78 4.92 -3.69
C LEU A 35 -17.22 3.53 -4.16
N THR A 36 -17.10 3.26 -5.46
CA THR A 36 -17.59 2.00 -6.01
C THR A 36 -16.73 0.82 -5.58
N ARG A 37 -15.57 1.11 -4.99
CA ARG A 37 -14.61 0.08 -4.62
C ARG A 37 -14.50 -0.16 -3.12
N VAL A 38 -14.95 0.82 -2.33
CA VAL A 38 -14.91 0.68 -0.87
C VAL A 38 -15.95 -0.34 -0.42
N GLY A 39 -15.50 -1.40 0.23
CA GLY A 39 -16.40 -2.46 0.67
C GLY A 39 -16.25 -3.71 -0.16
N ARG A 40 -15.57 -3.59 -1.30
CA ARG A 40 -15.29 -4.73 -2.15
C ARG A 40 -14.46 -5.84 -1.45
N ASN A 41 -13.45 -5.43 -0.68
CA ASN A 41 -12.61 -6.34 0.10
C ASN A 41 -12.11 -7.61 -0.60
N LEU A 42 -11.41 -7.44 -1.72
CA LEU A 42 -10.90 -8.61 -2.47
C LEU A 42 -10.07 -9.52 -1.58
N HIS A 43 -9.41 -8.96 -0.57
CA HIS A 43 -8.57 -9.74 0.32
C HIS A 43 -9.40 -10.71 1.15
N ASN A 44 -10.71 -10.48 1.24
CA ASN A 44 -11.61 -11.40 1.93
C ASN A 44 -12.44 -12.26 0.97
N GLN A 45 -12.15 -12.20 -0.33
CA GLN A 45 -12.98 -12.89 -1.32
C GLN A 45 -12.41 -14.28 -1.61
N GLN A 46 -13.07 -15.30 -1.10
CA GLN A 46 -12.62 -16.67 -1.28
C GLN A 46 -12.21 -16.92 -2.75
N HIS A 47 -11.04 -17.53 -2.93
CA HIS A 47 -10.48 -17.87 -4.25
C HIS A 47 -9.86 -16.69 -5.03
N HIS A 48 -9.92 -15.50 -4.47
CA HIS A 48 -9.20 -14.39 -5.10
C HIS A 48 -7.71 -14.54 -4.71
N PRO A 49 -6.81 -14.21 -5.65
CA PRO A 49 -5.36 -14.28 -5.46
C PRO A 49 -4.86 -13.56 -4.22
N LEU A 50 -5.42 -12.39 -3.91
CA LEU A 50 -5.05 -11.65 -2.70
C LEU A 50 -5.53 -12.38 -1.46
N TRP A 51 -6.70 -13.01 -1.57
CA TRP A 51 -7.21 -13.79 -0.46
C TRP A 51 -6.28 -14.97 -0.22
N LEU A 52 -5.81 -15.55 -1.32
CA LEU A 52 -4.92 -16.70 -1.27
C LEU A 52 -3.60 -16.40 -0.55
N ILE A 53 -2.96 -15.29 -0.91
CA ILE A 53 -1.74 -14.88 -0.23
C ILE A 53 -2.03 -14.70 1.26
N LYS A 54 -3.05 -13.90 1.56
CA LYS A 54 -3.44 -13.67 2.95
C LYS A 54 -3.56 -14.99 3.72
N GLU A 55 -4.31 -15.94 3.17
CA GLU A 55 -4.50 -17.22 3.84
C GLU A 55 -3.18 -17.95 4.08
N ARG A 56 -2.28 -17.88 3.11
CA ARG A 56 -1.02 -18.60 3.23
C ARG A 56 -0.11 -17.96 4.27
N VAL A 57 -0.14 -16.63 4.37
CA VAL A 57 0.59 -15.93 5.41
C VAL A 57 0.00 -16.31 6.77
N LYS A 58 -1.31 -16.30 6.88
CA LYS A 58 -1.97 -16.73 8.12
C LYS A 58 -1.55 -18.15 8.51
N GLU A 59 -1.53 -19.06 7.54
CA GLU A 59 -1.16 -20.44 7.84
C GLU A 59 0.26 -20.54 8.38
N HIS A 60 1.16 -19.72 7.83
CA HIS A 60 2.54 -19.72 8.29
C HIS A 60 2.65 -19.32 9.75
N PHE A 61 1.94 -18.25 10.12
CA PHE A 61 2.03 -17.75 11.48
C PHE A 61 1.35 -18.67 12.47
N TYR A 62 0.27 -19.31 12.03
CA TYR A 62 -0.42 -20.31 12.82
C TYR A 62 0.51 -21.48 13.15
N LYS A 63 1.10 -22.07 12.12
CA LYS A 63 1.98 -23.22 12.30
C LYS A 63 3.18 -22.87 13.17
N GLN A 64 3.79 -21.71 12.92
CA GLN A 64 4.91 -21.25 13.74
C GLN A 64 4.48 -21.21 15.20
N TYR A 65 3.28 -20.69 15.44
CA TYR A 65 2.79 -20.58 16.79
C TYR A 65 2.60 -21.96 17.41
N VAL A 66 2.08 -22.89 16.62
CA VAL A 66 1.83 -24.25 17.08
C VAL A 66 3.12 -25.05 17.29
N GLY A 67 4.11 -24.82 16.45
CA GLY A 67 5.35 -25.58 16.50
C GLY A 67 6.37 -25.11 17.51
N ARG A 68 6.69 -23.82 17.52
CA ARG A 68 7.69 -23.27 18.44
C ARG A 68 7.09 -22.72 19.73
N PHE A 69 7.67 -23.11 20.87
CA PHE A 69 7.28 -22.56 22.15
C PHE A 69 7.40 -21.03 22.20
N GLY A 70 8.53 -20.51 21.76
CA GLY A 70 8.76 -19.07 21.83
C GLY A 70 7.73 -18.19 21.14
N THR A 71 7.05 -18.72 20.13
CA THR A 71 6.28 -17.90 19.20
C THR A 71 4.90 -17.45 19.70
N PRO A 72 4.57 -16.16 19.48
CA PRO A 72 3.32 -15.53 19.90
C PRO A 72 2.17 -15.95 19.02
N LEU A 73 0.95 -15.84 19.53
CA LEU A 73 -0.23 -16.05 18.68
C LEU A 73 -0.55 -14.73 18.03
N PHE A 74 -0.52 -14.69 16.70
CA PHE A 74 -0.80 -13.46 15.97
C PHE A 74 -2.29 -13.45 15.69
N SER A 75 -3.00 -12.51 16.28
CA SER A 75 -4.42 -12.37 16.05
C SER A 75 -4.62 -11.53 14.80
N VAL A 76 -5.59 -11.92 13.97
CA VAL A 76 -5.72 -11.37 12.62
C VAL A 76 -6.91 -10.43 12.48
N TYR A 77 -6.68 -9.26 11.91
CA TYR A 77 -7.76 -8.30 11.66
C TYR A 77 -7.84 -7.92 10.19
N ASP A 78 -8.80 -8.50 9.48
CA ASP A 78 -8.87 -8.29 8.04
C ASP A 78 -10.20 -7.66 7.62
N ASN A 79 -10.96 -7.15 8.59
CA ASN A 79 -12.23 -6.52 8.27
C ASN A 79 -12.39 -5.17 8.99
N LEU A 80 -11.30 -4.42 9.09
CA LEU A 80 -11.36 -3.13 9.73
C LEU A 80 -11.80 -2.09 8.71
N SER A 81 -12.71 -1.21 9.09
CA SER A 81 -13.11 -0.15 8.17
C SER A 81 -11.91 0.65 7.69
N PRO A 82 -11.84 0.92 6.38
CA PRO A 82 -10.76 1.75 5.81
C PRO A 82 -10.91 3.26 6.11
N VAL A 83 -12.03 3.69 6.69
CA VAL A 83 -12.17 5.10 7.04
C VAL A 83 -11.50 5.32 8.39
N VAL A 84 -10.47 6.16 8.42
CA VAL A 84 -9.73 6.42 9.65
C VAL A 84 -9.51 7.92 9.81
N THR A 85 -9.05 8.31 10.98
CA THR A 85 -8.73 9.71 11.25
C THR A 85 -7.32 9.98 10.76
N THR A 86 -7.02 11.26 10.51
CA THR A 86 -5.69 11.65 10.09
C THR A 86 -4.75 11.37 11.25
N TRP A 87 -5.30 11.40 12.45
CA TRP A 87 -4.52 11.02 13.62
C TRP A 87 -4.05 9.57 13.55
N GLN A 88 -4.97 8.65 13.22
CA GLN A 88 -4.62 7.25 13.04
C GLN A 88 -3.61 7.07 11.91
N ASN A 89 -3.87 7.70 10.77
CA ASN A 89 -3.05 7.49 9.58
C ASN A 89 -1.66 8.11 9.69
N PHE A 90 -1.56 9.22 10.41
CA PHE A 90 -0.32 10.01 10.42
C PHE A 90 0.30 10.25 11.79
N ASP A 91 -0.38 11.00 12.66
CA ASP A 91 0.20 11.43 13.96
C ASP A 91 0.58 10.29 14.93
N SER A 92 -0.27 9.27 15.04
CA SER A 92 0.06 8.10 15.86
C SER A 92 1.38 7.47 15.39
N LEU A 93 1.73 7.67 14.12
CA LEU A 93 2.94 7.09 13.56
C LEU A 93 4.08 8.10 13.43
N LEU A 94 3.93 9.24 14.13
CA LEU A 94 4.97 10.27 14.22
C LEU A 94 5.30 10.91 12.87
N ILE A 95 4.34 10.92 11.97
CA ILE A 95 4.57 11.54 10.69
C ILE A 95 4.37 13.06 10.86
N PRO A 96 5.43 13.85 10.58
CA PRO A 96 5.38 15.29 10.86
C PRO A 96 4.29 16.00 10.06
N ALA A 97 3.85 17.13 10.59
CA ALA A 97 2.79 17.92 9.99
C ALA A 97 3.09 18.38 8.56
N ASP A 98 4.35 18.64 8.27
CA ASP A 98 4.74 19.12 6.94
C ASP A 98 5.26 18.00 6.04
N HIS A 99 5.02 16.74 6.42
CA HIS A 99 5.53 15.62 5.65
C HIS A 99 4.81 15.52 4.33
N PRO A 100 5.55 15.25 3.25
CA PRO A 100 5.00 15.18 1.88
C PRO A 100 3.89 14.13 1.71
N SER A 101 3.94 13.06 2.48
CA SER A 101 2.93 12.00 2.39
C SER A 101 1.54 12.49 2.76
N ARG A 102 1.45 13.68 3.32
CA ARG A 102 0.19 14.22 3.80
C ARG A 102 -0.54 15.02 2.74
N LYS A 103 0.16 15.38 1.67
CA LYS A 103 -0.42 16.24 0.59
C LYS A 103 -1.80 15.78 0.16
N LYS A 104 -2.67 16.73 -0.11
CA LYS A 104 -4.03 16.44 -0.59
C LYS A 104 -3.99 15.66 -1.89
N GLY A 105 -3.05 15.99 -2.75
CA GLY A 105 -2.92 15.31 -4.02
C GLY A 105 -2.49 13.87 -3.93
N ASP A 106 -2.11 13.40 -2.75
CA ASP A 106 -1.63 12.01 -2.63
C ASP A 106 -2.65 11.11 -1.94
N ASN A 107 -3.69 11.71 -1.37
CA ASN A 107 -4.61 10.94 -0.53
C ASN A 107 -6.06 11.17 -0.89
N TYR A 108 -6.91 10.29 -0.37
CA TYR A 108 -8.35 10.49 -0.44
C TYR A 108 -8.85 10.93 0.94
N TYR A 109 -9.05 12.24 1.09
CA TYR A 109 -9.56 12.84 2.32
C TYR A 109 -11.08 12.99 2.23
N LEU A 110 -11.77 12.57 3.29
CA LEU A 110 -13.20 12.84 3.42
C LEU A 110 -13.32 14.30 3.83
N ASN A 111 -12.40 14.70 4.69
CA ASN A 111 -12.28 16.09 5.14
C ASN A 111 -10.96 16.21 5.88
N ARG A 112 -10.77 17.31 6.62
CA ARG A 112 -9.50 17.54 7.31
C ARG A 112 -9.17 16.47 8.33
N THR A 113 -10.18 15.79 8.86
CA THR A 113 -9.97 14.92 9.99
C THR A 113 -10.16 13.43 9.69
N HIS A 114 -10.85 13.14 8.59
CA HIS A 114 -11.12 11.74 8.22
C HIS A 114 -10.65 11.43 6.82
N MET A 115 -10.19 10.20 6.63
CA MET A 115 -9.67 9.79 5.33
C MET A 115 -9.81 8.30 5.11
N LEU A 116 -9.67 7.90 3.86
CA LEU A 116 -9.40 6.52 3.51
C LEU A 116 -7.94 6.23 3.85
N ARG A 117 -7.70 5.17 4.61
CA ARG A 117 -6.34 4.87 5.05
C ARG A 117 -5.42 4.64 3.86
N ALA A 118 -4.22 5.20 3.96
CA ALA A 118 -3.20 5.09 2.93
C ALA A 118 -2.28 3.90 3.16
N HIS A 119 -2.34 3.34 4.37
CA HIS A 119 -1.57 2.13 4.70
C HIS A 119 -2.19 1.45 5.89
N THR A 120 -1.97 0.14 6.00
CA THR A 120 -2.47 -0.61 7.16
C THR A 120 -1.77 -0.21 8.47
N SER A 121 -0.64 0.48 8.38
CA SER A 121 0.00 0.99 9.60
C SER A 121 -0.92 1.91 10.41
N ALA A 122 -1.97 2.41 9.76
CA ALA A 122 -2.97 3.28 10.41
C ALA A 122 -3.62 2.61 11.62
N HIS A 123 -3.48 1.29 11.72
CA HIS A 123 -4.13 0.53 12.79
C HIS A 123 -3.17 0.06 13.89
N GLN A 124 -1.88 0.30 13.71
CA GLN A 124 -0.88 -0.11 14.71
C GLN A 124 -1.20 0.38 16.12
N TRP A 125 -1.43 1.68 16.27
CA TRP A 125 -1.56 2.29 17.59
C TRP A 125 -2.76 1.75 18.35
N ASP A 126 -3.92 1.73 17.70
CA ASP A 126 -5.15 1.24 18.32
C ASP A 126 -4.98 -0.20 18.78
N LEU A 127 -4.42 -1.05 17.94
CA LEU A 127 -4.27 -2.46 18.31
C LEU A 127 -3.28 -2.68 19.45
N LEU A 128 -2.19 -1.93 19.45
CA LEU A 128 -1.26 -1.88 20.57
C LEU A 128 -1.94 -1.45 21.87
N HIS A 129 -2.76 -0.41 21.72
CA HIS A 129 -3.44 0.26 22.82
C HIS A 129 -4.45 -0.71 23.42
N ALA A 130 -4.92 -1.66 22.60
CA ALA A 130 -5.78 -2.72 23.10
C ALA A 130 -5.00 -3.77 23.89
N GLY A 131 -3.69 -3.64 23.97
CA GLY A 131 -2.89 -4.54 24.78
C GLY A 131 -2.40 -5.80 24.07
N LEU A 132 -2.62 -5.86 22.76
CA LEU A 132 -2.11 -6.94 21.92
C LEU A 132 -0.58 -6.96 21.75
N ASP A 133 0.01 -8.14 21.90
CA ASP A 133 1.44 -8.32 21.73
C ASP A 133 1.80 -8.68 20.30
N ALA A 134 0.87 -9.30 19.59
CA ALA A 134 1.17 -9.77 18.22
C ALA A 134 -0.09 -9.85 17.37
N PHE A 135 -0.05 -9.25 16.19
CA PHE A 135 -1.24 -9.25 15.36
C PHE A 135 -0.90 -8.95 13.92
N LEU A 136 -1.87 -9.23 13.05
CA LEU A 136 -1.75 -8.96 11.64
C LEU A 136 -2.93 -8.07 11.29
N VAL A 137 -2.72 -7.10 10.42
CA VAL A 137 -3.83 -6.33 9.87
C VAL A 137 -3.80 -6.50 8.35
N VAL A 138 -4.93 -6.86 7.76
CA VAL A 138 -5.00 -7.04 6.31
C VAL A 138 -6.15 -6.22 5.78
N GLY A 139 -5.90 -5.43 4.74
CA GLY A 139 -6.93 -4.54 4.25
C GLY A 139 -6.63 -3.78 2.98
N ASP A 140 -7.69 -3.33 2.31
CA ASP A 140 -7.60 -2.35 1.23
C ASP A 140 -7.11 -1.00 1.74
N VAL A 141 -6.18 -0.40 1.01
CA VAL A 141 -5.66 0.94 1.31
C VAL A 141 -5.76 1.79 0.03
N TYR A 142 -5.67 3.10 0.20
CA TYR A 142 -6.05 4.05 -0.85
C TYR A 142 -5.03 5.16 -1.01
N ARG A 143 -4.58 5.37 -2.24
CA ARG A 143 -3.65 6.47 -2.56
C ARG A 143 -3.94 7.07 -3.93
N ARG A 144 -3.81 8.39 -4.03
CA ARG A 144 -3.88 9.07 -5.32
C ARG A 144 -2.48 9.10 -5.89
N ASP A 145 -2.30 8.38 -6.98
CA ASP A 145 -0.98 8.26 -7.57
C ASP A 145 -1.09 8.15 -9.09
N GLN A 146 0.07 8.09 -9.74
CA GLN A 146 0.17 8.03 -11.20
C GLN A 146 -0.54 6.79 -11.75
N ILE A 147 -0.64 6.69 -13.07
CA ILE A 147 -1.31 5.56 -13.70
C ILE A 147 -0.37 4.75 -14.58
N ASP A 148 -0.16 3.49 -14.20
CA ASP A 148 0.56 2.51 -15.02
C ASP A 148 0.26 1.10 -14.50
N SER A 149 0.88 0.09 -15.12
CA SER A 149 0.53 -1.30 -14.88
C SER A 149 0.86 -1.76 -13.46
N GLN A 150 1.58 -0.92 -12.73
CA GLN A 150 1.99 -1.23 -11.36
C GLN A 150 1.35 -0.32 -10.31
N HIS A 151 0.48 0.58 -10.74
CA HIS A 151 -0.18 1.46 -9.81
C HIS A 151 -1.68 1.41 -9.96
N TYR A 152 -2.37 1.40 -8.82
CA TYR A 152 -3.81 1.42 -8.79
C TYR A 152 -4.24 2.24 -7.56
N PRO A 153 -5.35 3.00 -7.67
CA PRO A 153 -5.77 3.87 -6.56
C PRO A 153 -6.11 3.05 -5.30
N ILE A 154 -6.42 1.78 -5.52
CA ILE A 154 -6.72 0.88 -4.42
C ILE A 154 -5.77 -0.30 -4.47
N PHE A 155 -5.21 -0.64 -3.33
CA PHE A 155 -4.49 -1.90 -3.19
C PHE A 155 -4.58 -2.48 -1.77
N HIS A 156 -3.76 -3.48 -1.48
CA HIS A 156 -3.93 -4.22 -0.24
C HIS A 156 -2.61 -4.47 0.45
N GLN A 157 -2.59 -4.25 1.77
CA GLN A 157 -1.39 -4.47 2.54
C GLN A 157 -1.67 -5.45 3.65
N LEU A 158 -0.61 -6.12 4.10
CA LEU A 158 -0.69 -6.89 5.31
C LEU A 158 0.36 -6.38 6.30
N GLU A 159 -0.12 -5.92 7.45
CA GLU A 159 0.70 -5.40 8.54
C GLU A 159 0.94 -6.52 9.58
N ALA A 160 2.14 -6.53 10.16
CA ALA A 160 2.42 -7.40 11.29
C ALA A 160 3.18 -6.62 12.37
N VAL A 161 2.84 -6.88 13.63
CA VAL A 161 3.45 -6.20 14.76
C VAL A 161 3.74 -7.24 15.83
N ARG A 162 4.92 -7.17 16.42
CA ARG A 162 5.38 -8.16 17.40
C ARG A 162 6.17 -7.51 18.51
N LEU A 163 5.66 -7.57 19.74
CA LEU A 163 6.31 -6.98 20.92
C LEU A 163 7.08 -8.02 21.71
N PHE A 164 8.21 -7.62 22.28
CA PHE A 164 8.97 -8.47 23.21
C PHE A 164 9.10 -7.77 24.57
N SER A 165 8.96 -8.53 25.65
CA SER A 165 9.37 -8.05 26.95
C SER A 165 10.85 -8.39 27.16
N LYS A 166 11.47 -7.74 28.15
CA LYS A 166 12.88 -7.95 28.44
C LYS A 166 13.20 -9.42 28.69
N HIS A 167 12.43 -10.03 29.59
CA HIS A 167 12.70 -11.39 30.04
C HIS A 167 12.48 -12.38 28.91
N GLU A 168 11.59 -12.03 28.00
CA GLU A 168 11.29 -12.85 26.83
C GLU A 168 12.40 -12.72 25.78
N LEU A 169 12.85 -11.50 25.52
CA LEU A 169 13.92 -11.27 24.54
C LEU A 169 15.26 -11.91 24.94
N PHE A 170 15.56 -11.87 26.24
CA PHE A 170 16.86 -12.37 26.75
C PHE A 170 16.80 -13.73 27.42
N ALA A 171 15.70 -14.47 27.24
CA ALA A 171 15.47 -15.73 27.93
C ALA A 171 16.52 -16.79 27.66
N GLY A 172 17.09 -16.76 26.45
CA GLY A 172 18.03 -17.77 26.00
C GLY A 172 19.48 -17.43 26.28
N ILE A 173 19.72 -16.35 26.98
CA ILE A 173 21.06 -15.96 27.38
C ILE A 173 21.25 -16.30 28.87
N LYS A 174 22.44 -16.77 29.23
CA LYS A 174 22.70 -17.23 30.60
C LYS A 174 22.44 -16.17 31.68
N ASP A 175 23.19 -15.08 31.65
CA ASP A 175 23.01 -14.01 32.63
C ASP A 175 22.02 -12.97 32.12
N GLY A 176 21.08 -13.43 31.31
CA GLY A 176 20.16 -12.55 30.60
C GLY A 176 19.41 -11.51 31.43
N GLU A 177 19.30 -11.73 32.74
CA GLU A 177 18.52 -10.81 33.58
C GLU A 177 19.31 -9.57 34.00
N SER A 178 20.58 -9.50 33.60
CA SER A 178 21.39 -8.31 33.83
C SER A 178 21.39 -7.43 32.57
N LEU A 179 20.90 -8.00 31.46
CA LEU A 179 20.74 -7.26 30.21
C LEU A 179 19.49 -6.40 30.30
N GLN A 180 19.39 -5.38 29.45
CA GLN A 180 18.24 -4.48 29.47
C GLN A 180 17.73 -4.11 28.08
N LEU A 181 16.47 -3.69 28.00
CA LEU A 181 15.89 -3.22 26.75
C LEU A 181 16.24 -1.76 26.49
N PHE A 182 16.34 -0.97 27.55
CA PHE A 182 16.44 0.49 27.42
C PHE A 182 17.67 1.09 28.08
N GLU A 183 18.02 2.28 27.61
CA GLU A 183 19.06 3.09 28.20
C GLU A 183 18.87 4.52 27.70
N GLN A 184 19.84 5.38 27.96
CA GLN A 184 19.76 6.76 27.54
C GLN A 184 21.05 7.15 26.85
N SER A 185 21.19 6.72 25.60
CA SER A 185 22.33 7.10 24.81
C SER A 185 21.85 7.99 23.69
N SER A 186 22.51 7.91 22.54
CA SER A 186 22.14 8.71 21.38
C SER A 186 21.62 7.82 20.25
N ARG A 187 20.96 8.45 19.28
CA ARG A 187 20.46 7.76 18.11
C ARG A 187 21.57 7.70 17.07
N SER A 188 21.73 6.55 16.43
CA SER A 188 22.74 6.36 15.41
C SER A 188 22.02 5.71 14.24
N ALA A 189 22.73 5.38 13.18
CA ALA A 189 22.11 4.69 12.05
C ALA A 189 21.64 3.31 12.45
N HIS A 190 22.08 2.85 13.61
CA HIS A 190 21.81 1.48 14.01
C HIS A 190 20.72 1.33 15.06
N LYS A 191 20.43 2.40 15.80
CA LYS A 191 19.46 2.29 16.89
C LYS A 191 18.94 3.64 17.36
N GLN A 192 17.77 3.58 18.00
CA GLN A 192 17.16 4.73 18.65
C GLN A 192 17.92 5.07 19.94
N GLU A 193 17.66 6.27 20.46
CA GLU A 193 18.37 6.76 21.63
C GLU A 193 18.06 6.02 22.95
N THR A 194 16.88 5.41 23.07
CA THR A 194 16.50 4.76 24.33
C THR A 194 16.60 3.24 24.26
N HIS A 195 17.11 2.74 23.15
CA HIS A 195 17.31 1.30 23.00
C HIS A 195 18.77 0.94 23.25
N THR A 196 18.99 -0.23 23.84
CA THR A 196 20.33 -0.81 23.89
C THR A 196 20.61 -1.55 22.59
N MET A 197 21.88 -1.60 22.20
CA MET A 197 22.29 -2.35 21.03
C MET A 197 22.05 -3.85 21.23
N GLU A 198 22.03 -4.29 22.48
CA GLU A 198 21.75 -5.68 22.81
C GLU A 198 20.35 -6.05 22.38
N ALA A 199 19.40 -5.22 22.79
CA ALA A 199 18.01 -5.44 22.43
C ALA A 199 17.80 -5.33 20.91
N VAL A 200 18.30 -4.24 20.31
CA VAL A 200 18.09 -4.01 18.89
C VAL A 200 18.62 -5.12 18.02
N LYS A 201 19.83 -5.59 18.32
CA LYS A 201 20.39 -6.68 17.55
C LYS A 201 19.46 -7.89 17.52
N LEU A 202 18.88 -8.21 18.67
CA LEU A 202 18.02 -9.40 18.76
C LEU A 202 16.66 -9.19 18.10
N VAL A 203 16.10 -7.98 18.24
CA VAL A 203 14.84 -7.66 17.59
C VAL A 203 14.99 -7.68 16.07
N GLU A 204 16.03 -7.03 15.57
CA GLU A 204 16.33 -7.00 14.15
C GLU A 204 16.52 -8.41 13.60
N PHE A 205 17.31 -9.21 14.30
CA PHE A 205 17.54 -10.58 13.87
C PHE A 205 16.22 -11.34 13.79
N ASP A 206 15.40 -11.22 14.84
CA ASP A 206 14.11 -11.91 14.84
C ASP A 206 13.22 -11.45 13.68
N LEU A 207 13.22 -10.14 13.44
CA LEU A 207 12.41 -9.56 12.38
C LEU A 207 12.80 -10.19 11.05
N LYS A 208 14.09 -10.18 10.76
CA LYS A 208 14.59 -10.62 9.47
C LYS A 208 14.45 -12.14 9.28
N GLN A 209 14.70 -12.90 10.34
CA GLN A 209 14.49 -14.34 10.32
C GLN A 209 13.02 -14.68 10.07
N THR A 210 12.13 -13.96 10.76
CA THR A 210 10.70 -14.19 10.57
C THR A 210 10.29 -13.98 9.11
N LEU A 211 10.64 -12.82 8.56
CA LEU A 211 10.31 -12.49 7.17
C LEU A 211 10.96 -13.45 6.17
N THR A 212 12.17 -13.88 6.45
CA THR A 212 12.89 -14.78 5.56
C THR A 212 12.19 -16.14 5.53
N ARG A 213 11.69 -16.59 6.69
CA ARG A 213 10.96 -17.85 6.77
C ARG A 213 9.62 -17.73 6.10
N LEU A 214 9.00 -16.57 6.22
CA LEU A 214 7.73 -16.35 5.54
C LEU A 214 7.89 -16.33 4.01
N MET A 215 8.97 -15.75 3.52
CA MET A 215 9.17 -15.73 2.07
C MET A 215 9.47 -17.14 1.57
N ALA A 216 10.23 -17.89 2.35
CA ALA A 216 10.49 -19.28 2.01
C ALA A 216 9.17 -20.06 1.94
N HIS A 217 8.33 -19.90 2.95
CA HIS A 217 7.01 -20.52 2.93
C HIS A 217 6.25 -20.18 1.62
N LEU A 218 6.29 -18.91 1.22
CA LEU A 218 5.55 -18.44 0.05
C LEU A 218 6.17 -18.83 -1.30
N PHE A 219 7.51 -18.77 -1.40
CA PHE A 219 8.19 -18.91 -2.69
C PHE A 219 9.04 -20.17 -2.85
N GLY A 220 9.36 -20.83 -1.74
CA GLY A 220 10.37 -21.88 -1.75
C GLY A 220 11.73 -21.26 -1.46
N ASP A 221 12.78 -22.08 -1.48
CA ASP A 221 14.11 -21.61 -1.08
C ASP A 221 14.91 -21.00 -2.23
N GLU A 222 14.31 -20.96 -3.42
CA GLU A 222 15.02 -20.50 -4.62
C GLU A 222 15.06 -18.98 -4.77
N LEU A 223 14.32 -18.27 -3.93
CA LEU A 223 14.19 -16.84 -4.14
C LEU A 223 15.42 -16.10 -3.65
N GLU A 224 15.87 -15.13 -4.45
CA GLU A 224 16.97 -14.26 -4.08
C GLU A 224 16.38 -12.99 -3.46
N ILE A 225 16.76 -12.72 -2.22
CA ILE A 225 16.24 -11.55 -1.51
C ILE A 225 17.43 -10.75 -0.99
N ARG A 226 17.22 -9.46 -0.73
CA ARG A 226 18.28 -8.63 -0.16
C ARG A 226 17.59 -7.65 0.81
N TRP A 227 18.35 -7.15 1.79
CA TRP A 227 17.83 -6.13 2.70
C TRP A 227 18.46 -4.80 2.37
N VAL A 228 17.63 -3.76 2.31
CA VAL A 228 18.10 -2.42 1.98
C VAL A 228 17.79 -1.51 3.15
N ASP A 229 18.78 -0.74 3.61
CA ASP A 229 18.55 0.17 4.71
C ASP A 229 17.69 1.34 4.24
N CYS A 230 16.69 1.77 5.02
CA CYS A 230 15.85 2.90 4.60
C CYS A 230 15.31 3.70 5.78
N TYR A 231 14.35 4.58 5.54
CA TYR A 231 13.83 5.45 6.62
C TYR A 231 12.31 5.47 6.63
N PHE A 232 11.72 5.31 7.82
CA PHE A 232 10.30 5.58 8.04
C PHE A 232 10.23 6.35 9.35
N PRO A 233 9.25 7.26 9.49
CA PRO A 233 9.10 7.98 10.77
C PRO A 233 8.72 7.08 11.94
N PHE A 234 8.15 5.91 11.68
CA PHE A 234 7.57 5.10 12.75
C PHE A 234 8.45 3.90 13.13
N THR A 235 9.60 3.77 12.48
CA THR A 235 10.52 2.70 12.85
C THR A 235 11.94 3.20 12.76
N HIS A 236 12.82 2.52 13.47
CA HIS A 236 14.25 2.78 13.38
C HIS A 236 15.04 1.79 14.24
N PRO A 237 16.00 1.09 13.65
CA PRO A 237 16.37 1.15 12.22
C PRO A 237 15.26 0.52 11.37
N SER A 238 15.30 0.81 10.07
CA SER A 238 14.24 0.47 9.13
C SER A 238 14.85 -0.20 7.91
N PHE A 239 14.07 -1.07 7.26
CA PHE A 239 14.55 -1.78 6.08
C PHE A 239 13.46 -1.95 5.05
N GLU A 240 13.87 -2.15 3.80
CA GLU A 240 12.97 -2.70 2.81
C GLU A 240 13.52 -4.06 2.40
N MET A 241 12.63 -5.01 2.15
CA MET A 241 13.10 -6.25 1.56
C MET A 241 12.85 -6.24 0.05
N GLU A 242 13.88 -6.55 -0.71
CA GLU A 242 13.74 -6.68 -2.16
C GLU A 242 13.90 -8.12 -2.62
N ILE A 243 13.12 -8.49 -3.63
CA ILE A 243 13.25 -9.78 -4.29
C ILE A 243 13.72 -9.57 -5.75
N ASN A 244 14.69 -10.36 -6.19
CA ASN A 244 15.13 -10.26 -7.58
C ASN A 244 14.20 -11.04 -8.50
N PHE A 245 13.57 -10.33 -9.42
CA PHE A 245 12.51 -10.92 -10.22
C PHE A 245 12.54 -10.34 -11.63
N HIS A 246 12.57 -11.24 -12.60
CA HIS A 246 12.72 -10.85 -13.99
C HIS A 246 13.93 -9.94 -14.14
N GLY A 247 15.03 -10.34 -13.50
CA GLY A 247 16.28 -9.62 -13.62
C GLY A 247 16.41 -8.32 -12.82
N GLU A 248 15.41 -7.99 -12.01
CA GLU A 248 15.36 -6.68 -11.34
C GLU A 248 15.11 -6.82 -9.83
N TRP A 249 15.78 -6.00 -9.02
CA TRP A 249 15.48 -5.97 -7.59
C TRP A 249 14.20 -5.19 -7.30
N LEU A 250 13.16 -5.87 -6.80
CA LEU A 250 11.87 -5.22 -6.56
C LEU A 250 11.53 -5.21 -5.07
N GLU A 251 11.23 -4.01 -4.55
CA GLU A 251 10.80 -3.87 -3.15
C GLU A 251 9.43 -4.50 -2.95
N VAL A 252 9.30 -5.27 -1.88
CA VAL A 252 8.04 -5.91 -1.55
C VAL A 252 7.49 -5.51 -0.17
N LEU A 253 8.33 -4.98 0.71
CA LEU A 253 7.86 -4.64 2.06
C LEU A 253 8.78 -3.66 2.76
N GLY A 254 8.23 -2.94 3.73
CA GLY A 254 9.02 -2.13 4.63
C GLY A 254 8.90 -2.72 6.02
N CYS A 255 9.85 -2.44 6.90
CA CYS A 255 9.82 -2.99 8.23
C CYS A 255 10.88 -2.31 9.08
N GLY A 256 10.92 -2.65 10.37
CA GLY A 256 11.96 -2.16 11.24
C GLY A 256 11.56 -2.27 12.69
N VAL A 257 12.36 -1.67 13.55
CA VAL A 257 12.11 -1.64 14.98
C VAL A 257 11.20 -0.47 15.30
N MET A 258 10.07 -0.75 15.95
CA MET A 258 9.09 0.30 16.22
C MET A 258 9.67 1.46 17.03
N GLU A 259 9.34 2.68 16.64
CA GLU A 259 9.77 3.85 17.38
C GLU A 259 9.20 3.75 18.79
N GLN A 260 10.07 3.85 19.78
CA GLN A 260 9.64 3.64 21.16
C GLN A 260 8.61 4.64 21.64
N GLN A 261 8.69 5.87 21.15
CA GLN A 261 7.68 6.86 21.47
C GLN A 261 6.27 6.38 21.08
N LEU A 262 6.16 5.76 19.91
CA LEU A 262 4.88 5.20 19.43
C LEU A 262 4.38 4.11 20.35
N VAL A 263 5.27 3.18 20.70
CA VAL A 263 4.93 2.06 21.56
C VAL A 263 4.59 2.52 22.99
N ASN A 264 5.38 3.45 23.52
CA ASN A 264 5.11 4.01 24.84
C ASN A 264 3.76 4.70 24.88
N SER A 265 3.46 5.46 23.83
CA SER A 265 2.24 6.25 23.84
C SER A 265 1.01 5.36 23.75
N ALA A 266 1.17 4.15 23.24
CA ALA A 266 0.04 3.23 23.14
C ALA A 266 -0.19 2.50 24.46
N GLY A 267 0.73 2.65 25.40
CA GLY A 267 0.60 2.02 26.70
C GLY A 267 1.44 0.76 26.91
N ALA A 268 2.33 0.43 25.98
CA ALA A 268 3.21 -0.73 26.17
C ALA A 268 4.65 -0.31 26.50
N GLN A 269 4.79 0.52 27.53
CA GLN A 269 6.07 1.12 27.87
C GLN A 269 7.15 0.12 28.22
N ASP A 270 6.73 -1.11 28.52
CA ASP A 270 7.67 -2.14 28.96
C ASP A 270 8.09 -3.07 27.81
N ARG A 271 7.79 -2.68 26.58
CA ARG A 271 8.06 -3.55 25.45
C ARG A 271 8.86 -2.85 24.36
N ILE A 272 9.63 -3.66 23.63
CA ILE A 272 10.25 -3.26 22.37
C ILE A 272 9.63 -4.13 21.28
N GLY A 273 9.52 -3.63 20.06
CA GLY A 273 8.82 -4.38 19.03
C GLY A 273 9.32 -4.22 17.61
N TRP A 274 8.92 -5.16 16.76
CA TRP A 274 9.08 -4.95 15.33
C TRP A 274 7.76 -4.86 14.60
N ALA A 275 7.83 -4.33 13.40
CA ALA A 275 6.64 -4.17 12.56
C ALA A 275 7.04 -4.32 11.10
N PHE A 276 6.14 -4.84 10.29
CA PHE A 276 6.35 -4.82 8.85
C PHE A 276 5.03 -4.60 8.12
N GLY A 277 5.11 -4.03 6.93
CA GLY A 277 3.96 -3.92 6.04
C GLY A 277 4.32 -4.46 4.66
N LEU A 278 3.55 -5.41 4.16
CA LEU A 278 3.80 -5.95 2.83
C LEU A 278 2.69 -5.62 1.84
N GLY A 279 3.11 -5.36 0.60
CA GLY A 279 2.19 -5.06 -0.48
C GLY A 279 1.71 -6.38 -1.07
N LEU A 280 0.42 -6.67 -0.89
CA LEU A 280 -0.13 -7.93 -1.40
C LEU A 280 -0.09 -8.08 -2.93
N GLU A 281 -0.46 -7.02 -3.65
CA GLU A 281 -0.47 -7.09 -5.11
C GLU A 281 0.93 -7.36 -5.67
N ARG A 282 1.90 -6.56 -5.21
CA ARG A 282 3.28 -6.78 -5.59
C ARG A 282 3.64 -8.25 -5.43
N LEU A 283 3.58 -8.72 -4.19
CA LEU A 283 3.88 -10.12 -3.87
C LEU A 283 3.14 -11.10 -4.78
N ALA A 284 1.84 -10.86 -4.96
CA ALA A 284 1.03 -11.71 -5.82
C ALA A 284 1.48 -11.67 -7.29
N MET A 285 1.87 -10.50 -7.78
CA MET A 285 2.30 -10.39 -9.17
C MET A 285 3.61 -11.14 -9.41
N ILE A 286 4.48 -11.17 -8.41
CA ILE A 286 5.74 -11.88 -8.48
C ILE A 286 5.53 -13.39 -8.32
N LEU A 287 4.72 -13.75 -7.33
CA LEU A 287 4.44 -15.14 -7.03
C LEU A 287 3.69 -15.86 -8.17
N TYR A 288 2.73 -15.17 -8.78
CA TYR A 288 1.93 -15.78 -9.84
C TYR A 288 2.24 -15.22 -11.25
N ASP A 289 3.19 -14.30 -11.32
CA ASP A 289 3.53 -13.64 -12.57
C ASP A 289 2.29 -13.04 -13.25
N ILE A 290 1.61 -12.19 -12.50
CA ILE A 290 0.48 -11.42 -13.02
C ILE A 290 1.04 -10.10 -13.56
N PRO A 291 0.85 -9.86 -14.87
CA PRO A 291 1.56 -8.77 -15.55
C PRO A 291 0.99 -7.37 -15.29
N ASP A 292 -0.29 -7.27 -14.89
CA ASP A 292 -0.95 -5.96 -14.75
C ASP A 292 -1.90 -5.92 -13.54
N ILE A 293 -1.73 -4.90 -12.71
CA ILE A 293 -2.49 -4.81 -11.48
C ILE A 293 -4.01 -4.75 -11.71
N ARG A 294 -4.44 -4.21 -12.85
CA ARG A 294 -5.87 -4.16 -13.18
C ARG A 294 -6.52 -5.54 -13.21
N LEU A 295 -5.71 -6.58 -13.39
CA LEU A 295 -6.22 -7.95 -13.43
C LEU A 295 -6.90 -8.37 -12.13
N PHE A 296 -6.49 -7.78 -11.02
CA PHE A 296 -7.09 -8.15 -9.75
C PHE A 296 -8.55 -7.71 -9.69
N TRP A 297 -8.91 -6.78 -10.57
CA TRP A 297 -10.21 -6.15 -10.51
C TRP A 297 -11.18 -6.60 -11.60
N CYS A 298 -10.66 -7.34 -12.58
CA CYS A 298 -11.50 -7.89 -13.64
C CYS A 298 -12.20 -9.13 -13.10
N GLU A 299 -13.27 -9.54 -13.77
CA GLU A 299 -14.02 -10.71 -13.33
C GLU A 299 -13.93 -11.81 -14.37
N ASP A 300 -13.05 -11.60 -15.34
CA ASP A 300 -12.76 -12.61 -16.37
C ASP A 300 -12.34 -13.95 -15.75
N GLU A 301 -13.12 -14.98 -16.04
CA GLU A 301 -12.85 -16.30 -15.49
C GLU A 301 -11.54 -16.90 -15.99
N ARG A 302 -11.12 -16.51 -17.19
CA ARG A 302 -9.79 -16.93 -17.68
C ARG A 302 -8.72 -16.60 -16.65
N PHE A 303 -8.96 -15.51 -15.91
CA PHE A 303 -8.11 -15.13 -14.80
C PHE A 303 -8.53 -15.83 -13.49
N LEU A 304 -9.76 -15.59 -13.05
CA LEU A 304 -10.19 -16.05 -11.73
C LEU A 304 -10.23 -17.56 -11.56
N LYS A 305 -10.71 -18.26 -12.58
CA LYS A 305 -10.79 -19.71 -12.56
C LYS A 305 -9.45 -20.33 -12.16
N GLN A 306 -8.36 -19.66 -12.50
CA GLN A 306 -7.04 -20.22 -12.27
C GLN A 306 -6.67 -20.32 -10.79
N PHE A 307 -7.38 -19.57 -9.95
CA PHE A 307 -7.04 -19.51 -8.54
C PHE A 307 -7.97 -20.34 -7.65
N CYS A 308 -9.00 -20.94 -8.25
CA CYS A 308 -9.88 -21.86 -7.53
C CYS A 308 -9.16 -23.15 -7.14
N VAL A 309 -8.39 -23.13 -6.07
CA VAL A 309 -7.63 -24.32 -5.68
C VAL A 309 -8.37 -25.20 -4.68
N SER A 310 -8.03 -26.48 -4.67
CA SER A 310 -8.55 -27.44 -3.69
C SER A 310 -8.14 -27.03 -2.29
N ASN A 311 -6.88 -26.68 -2.13
CA ASN A 311 -6.34 -26.28 -0.84
C ASN A 311 -5.29 -25.16 -1.01
N ILE A 312 -5.22 -24.25 -0.05
CA ILE A 312 -4.40 -23.05 -0.22
C ILE A 312 -2.92 -23.31 -0.50
N ASN A 313 -2.45 -24.52 -0.24
CA ASN A 313 -1.05 -24.83 -0.50
C ASN A 313 -0.78 -25.33 -1.92
N GLN A 314 -1.82 -25.84 -2.56
CA GLN A 314 -1.74 -26.21 -3.97
C GLN A 314 -1.14 -25.08 -4.80
N LYS A 315 0.06 -25.31 -5.32
CA LYS A 315 0.81 -24.30 -6.07
C LYS A 315 0.10 -23.98 -7.39
N VAL A 316 -0.47 -22.78 -7.50
CA VAL A 316 -1.16 -22.39 -8.71
C VAL A 316 -0.19 -21.95 -9.80
N LYS A 317 -0.45 -22.39 -11.02
CA LYS A 317 0.40 -22.08 -12.16
C LYS A 317 -0.30 -21.12 -13.11
N PHE A 318 -0.18 -19.81 -12.84
CA PHE A 318 -0.92 -18.81 -13.60
C PHE A 318 -0.51 -18.75 -15.07
N GLN A 319 -1.46 -19.08 -15.94
CA GLN A 319 -1.27 -19.01 -17.38
C GLN A 319 -1.70 -17.62 -17.84
N PRO A 320 -0.73 -16.80 -18.26
CA PRO A 320 -1.00 -15.39 -18.59
C PRO A 320 -1.89 -15.28 -19.80
N LEU A 321 -2.85 -14.36 -19.76
CA LEU A 321 -3.74 -14.11 -20.89
C LEU A 321 -2.95 -13.51 -22.06
N SER A 322 -3.54 -13.56 -23.25
CA SER A 322 -2.96 -12.90 -24.41
C SER A 322 -2.87 -11.42 -24.14
N LYS A 323 -1.91 -10.74 -24.76
CA LYS A 323 -1.81 -9.30 -24.64
C LYS A 323 -2.40 -8.64 -25.87
N TYR A 324 -3.34 -7.75 -25.65
CA TYR A 324 -4.05 -7.10 -26.75
C TYR A 324 -3.37 -5.79 -27.12
N PRO A 325 -3.51 -5.39 -28.38
CA PRO A 325 -2.90 -4.16 -28.89
C PRO A 325 -3.46 -2.94 -28.17
N ALA A 326 -2.65 -1.89 -28.15
CA ALA A 326 -3.01 -0.65 -27.49
C ALA A 326 -3.36 0.42 -28.51
N VAL A 327 -4.14 1.42 -28.09
CA VAL A 327 -4.31 2.62 -28.89
C VAL A 327 -3.75 3.78 -28.09
N ILE A 328 -2.94 4.60 -28.75
CA ILE A 328 -2.21 5.68 -28.08
C ILE A 328 -2.74 7.03 -28.54
N ASN A 329 -3.12 7.87 -27.58
CA ASN A 329 -3.57 9.22 -27.89
C ASN A 329 -2.96 10.27 -26.97
N ASP A 330 -2.60 11.39 -27.57
CA ASP A 330 -2.10 12.53 -26.82
C ASP A 330 -3.25 13.48 -26.50
N ILE A 331 -3.13 14.13 -25.35
CA ILE A 331 -4.07 15.17 -24.97
C ILE A 331 -3.24 16.30 -24.40
N SER A 332 -3.34 17.46 -25.04
CA SER A 332 -2.62 18.63 -24.58
C SER A 332 -3.60 19.71 -24.16
N PHE A 333 -3.25 20.46 -23.13
CA PHE A 333 -4.05 21.62 -22.73
C PHE A 333 -3.24 22.61 -21.91
N TRP A 334 -3.80 23.80 -21.73
CA TRP A 334 -3.23 24.81 -20.85
C TRP A 334 -3.80 24.68 -19.44
N LEU A 335 -2.95 24.35 -18.48
CA LEU A 335 -3.33 24.38 -17.06
C LEU A 335 -4.00 25.70 -16.73
N PRO A 336 -4.86 25.70 -15.70
CA PRO A 336 -5.55 26.90 -15.24
C PRO A 336 -4.56 27.87 -14.60
N SER A 337 -4.90 29.16 -14.58
CA SER A 337 -4.02 30.18 -14.03
C SER A 337 -3.81 30.01 -12.53
N GLU A 338 -2.84 29.18 -12.17
CA GLU A 338 -2.45 28.98 -10.78
C GLU A 338 -3.41 28.08 -10.00
N ASN A 339 -3.87 27.02 -10.66
CA ASN A 339 -4.77 26.04 -10.06
C ASN A 339 -4.71 24.70 -10.79
N TYR A 340 -4.03 23.71 -10.22
CA TYR A 340 -3.88 22.42 -10.89
C TYR A 340 -2.92 21.42 -10.23
N ALA A 341 -3.37 20.17 -10.09
CA ALA A 341 -2.50 19.09 -9.66
C ALA A 341 -2.55 17.96 -10.68
N GLU A 342 -1.37 17.42 -11.00
CA GLU A 342 -1.24 16.34 -11.97
C GLU A 342 -2.09 15.13 -11.58
N ASN A 343 -2.20 14.87 -10.28
CA ASN A 343 -3.01 13.76 -9.79
C ASN A 343 -4.51 13.99 -9.95
N ASP A 344 -4.92 15.25 -10.09
CA ASP A 344 -6.32 15.59 -10.34
C ASP A 344 -6.77 15.10 -11.71
N PHE A 345 -5.93 15.33 -12.72
CA PHE A 345 -6.23 14.90 -14.07
C PHE A 345 -6.28 13.37 -14.13
N TYR A 346 -5.40 12.73 -13.36
CA TYR A 346 -5.33 11.27 -13.34
C TYR A 346 -6.61 10.63 -12.82
N ASP A 347 -7.29 11.30 -11.89
CA ASP A 347 -8.58 10.81 -11.39
C ASP A 347 -9.67 10.96 -12.44
N LEU A 348 -9.61 12.05 -13.20
CA LEU A 348 -10.53 12.26 -14.31
C LEU A 348 -10.32 11.15 -15.36
N VAL A 349 -9.08 10.73 -15.54
CA VAL A 349 -8.77 9.64 -16.45
C VAL A 349 -9.34 8.32 -15.89
N ARG A 350 -9.05 8.03 -14.62
CA ARG A 350 -9.56 6.82 -13.96
C ARG A 350 -11.07 6.75 -14.08
N THR A 351 -11.70 7.93 -13.99
CA THR A 351 -13.16 7.99 -13.95
C THR A 351 -13.82 7.85 -15.32
N ILE A 352 -13.27 8.48 -16.34
CA ILE A 352 -13.80 8.35 -17.70
C ILE A 352 -13.27 7.10 -18.40
N GLY A 353 -11.96 6.87 -18.30
CA GLY A 353 -11.29 5.78 -18.99
C GLY A 353 -11.29 4.45 -18.25
N GLY A 354 -11.45 4.51 -16.93
CA GLY A 354 -11.51 3.31 -16.13
C GLY A 354 -10.34 2.40 -16.36
N ASP A 355 -10.63 1.11 -16.49
CA ASP A 355 -9.58 0.11 -16.66
C ASP A 355 -9.25 -0.15 -18.14
N LEU A 356 -9.73 0.74 -19.03
CA LEU A 356 -9.30 0.74 -20.43
C LEU A 356 -7.93 1.38 -20.56
N VAL A 357 -7.62 2.25 -19.61
CA VAL A 357 -6.35 2.96 -19.65
C VAL A 357 -5.26 2.14 -18.96
N GLU A 358 -4.19 1.88 -19.69
CA GLU A 358 -3.05 1.19 -19.13
C GLU A 358 -2.10 2.18 -18.48
N LYS A 359 -1.90 3.33 -19.12
CA LYS A 359 -0.98 4.31 -18.56
C LYS A 359 -1.14 5.70 -19.11
N VAL A 360 -0.66 6.66 -18.32
CA VAL A 360 -0.67 8.06 -18.69
C VAL A 360 0.73 8.58 -18.40
N ASP A 361 1.36 9.18 -19.39
CA ASP A 361 2.68 9.77 -19.21
C ASP A 361 2.62 11.24 -19.54
N LEU A 362 3.15 12.07 -18.64
CA LEU A 362 3.32 13.49 -18.95
C LEU A 362 4.63 13.62 -19.70
N ILE A 363 4.54 13.92 -21.00
CA ILE A 363 5.72 13.89 -21.84
C ILE A 363 6.29 15.28 -22.10
N ASP A 364 5.45 16.30 -21.99
CA ASP A 364 5.93 17.65 -22.20
C ASP A 364 5.22 18.70 -21.35
N LYS A 365 6.00 19.70 -20.93
CA LYS A 365 5.48 20.90 -20.26
C LYS A 365 6.36 22.11 -20.55
N PHE A 366 5.73 23.26 -20.66
CA PHE A 366 6.42 24.51 -20.96
C PHE A 366 5.49 25.69 -20.64
N VAL A 367 6.06 26.89 -20.62
CA VAL A 367 5.30 28.09 -20.35
C VAL A 367 5.27 29.01 -21.56
N HIS A 368 4.09 29.44 -21.99
CA HIS A 368 4.03 30.38 -23.10
C HIS A 368 4.26 31.80 -22.59
N PRO A 369 5.24 32.49 -23.20
CA PRO A 369 5.69 33.82 -22.79
C PRO A 369 4.57 34.86 -22.71
N LYS A 370 3.80 35.01 -23.78
CA LYS A 370 2.74 36.01 -23.82
C LYS A 370 1.61 35.75 -22.81
N THR A 371 1.06 34.54 -22.85
CA THR A 371 -0.02 34.16 -21.93
C THR A 371 0.46 34.00 -20.48
N HIS A 372 1.69 33.49 -20.32
CA HIS A 372 2.23 33.14 -19.01
C HIS A 372 1.70 31.78 -18.55
N LYS A 373 0.82 31.18 -19.35
CA LYS A 373 0.17 29.92 -18.99
C LYS A 373 1.06 28.70 -19.19
N THR A 374 0.82 27.67 -18.37
CA THR A 374 1.56 26.41 -18.51
C THR A 374 0.83 25.38 -19.38
N SER A 375 1.58 24.75 -20.28
CA SER A 375 1.02 23.70 -21.12
C SER A 375 1.48 22.31 -20.68
N HIS A 376 0.53 21.39 -20.63
CA HIS A 376 0.81 19.99 -20.32
C HIS A 376 0.41 19.14 -21.52
N CYS A 377 1.26 18.17 -21.87
CA CYS A 377 0.91 17.16 -22.88
C CYS A 377 1.05 15.79 -22.26
N TYR A 378 -0.04 15.03 -22.28
CA TYR A 378 -0.05 13.69 -21.70
C TYR A 378 -0.23 12.67 -22.81
N ARG A 379 0.50 11.56 -22.73
CA ARG A 379 0.30 10.44 -23.65
C ARG A 379 -0.48 9.32 -22.96
N ILE A 380 -1.62 8.95 -23.53
CA ILE A 380 -2.46 7.96 -22.88
C ILE A 380 -2.48 6.65 -23.66
N THR A 381 -2.11 5.58 -22.98
CA THR A 381 -2.10 4.27 -23.59
C THR A 381 -3.39 3.54 -23.24
N TYR A 382 -4.20 3.28 -24.25
CA TYR A 382 -5.43 2.53 -24.06
C TYR A 382 -5.17 1.06 -24.38
N ARG A 383 -5.45 0.18 -23.42
CA ARG A 383 -5.27 -1.25 -23.65
C ARG A 383 -6.15 -2.08 -22.71
N HIS A 384 -7.05 -2.85 -23.29
CA HIS A 384 -8.00 -3.65 -22.53
C HIS A 384 -7.35 -4.96 -22.09
N MET A 385 -7.50 -5.32 -20.83
CA MET A 385 -6.96 -6.57 -20.31
C MET A 385 -7.64 -7.81 -20.91
N GLU A 386 -8.80 -7.63 -21.52
CA GLU A 386 -9.62 -8.79 -21.91
C GLU A 386 -9.90 -8.87 -23.40
N ARG A 387 -9.52 -7.85 -24.16
CA ARG A 387 -9.87 -7.84 -25.57
C ARG A 387 -9.23 -6.68 -26.30
N THR A 388 -9.30 -6.73 -27.62
CA THR A 388 -8.80 -5.68 -28.49
C THR A 388 -9.74 -4.47 -28.43
N LEU A 389 -9.17 -3.28 -28.28
CA LEU A 389 -9.95 -2.05 -28.34
C LEU A 389 -10.03 -1.62 -29.79
N SER A 390 -11.20 -1.15 -30.21
CA SER A 390 -11.32 -0.56 -31.55
C SER A 390 -10.84 0.88 -31.51
N GLN A 391 -10.45 1.39 -32.67
CA GLN A 391 -10.11 2.80 -32.82
C GLN A 391 -11.33 3.66 -32.48
N ARG A 392 -12.51 3.21 -32.90
CA ARG A 392 -13.77 3.94 -32.71
C ARG A 392 -14.05 4.20 -31.23
N GLU A 393 -14.11 3.14 -30.44
CA GLU A 393 -14.50 3.27 -29.04
C GLU A 393 -13.50 4.12 -28.26
N VAL A 394 -12.23 4.04 -28.66
CA VAL A 394 -11.19 4.81 -28.01
C VAL A 394 -11.37 6.30 -28.32
N ARG A 395 -11.62 6.60 -29.59
CA ARG A 395 -11.83 7.98 -30.01
C ARG A 395 -12.89 8.61 -29.10
N HIS A 396 -13.97 7.88 -28.85
CA HIS A 396 -15.06 8.43 -28.06
C HIS A 396 -14.68 8.57 -26.59
N ILE A 397 -14.16 7.52 -25.98
CA ILE A 397 -13.56 7.67 -24.66
C ILE A 397 -12.64 8.90 -24.63
N HIS A 398 -11.78 9.03 -25.64
CA HIS A 398 -10.75 10.06 -25.64
C HIS A 398 -11.36 11.47 -25.71
N GLN A 399 -12.32 11.63 -26.60
CA GLN A 399 -12.94 12.94 -26.80
C GLN A 399 -13.78 13.35 -25.59
N ALA A 400 -14.30 12.35 -24.87
CA ALA A 400 -15.06 12.59 -23.65
C ALA A 400 -14.16 13.08 -22.53
N LEU A 401 -12.98 12.48 -22.41
CA LEU A 401 -11.99 12.94 -21.45
C LEU A 401 -11.50 14.34 -21.82
N GLN A 402 -11.37 14.60 -23.12
CA GLN A 402 -10.99 15.94 -23.61
C GLN A 402 -11.96 17.02 -23.15
N GLU A 403 -13.25 16.83 -23.45
CA GLU A 403 -14.29 17.76 -23.00
C GLU A 403 -14.30 17.93 -21.48
N ALA A 404 -14.36 16.80 -20.77
CA ALA A 404 -14.42 16.82 -19.31
C ALA A 404 -13.32 17.71 -18.73
N ALA A 405 -12.10 17.50 -19.19
CA ALA A 405 -10.94 18.21 -18.66
C ALA A 405 -11.14 19.70 -18.78
N VAL A 406 -11.85 20.11 -19.83
CA VAL A 406 -12.15 21.52 -20.03
C VAL A 406 -13.12 22.02 -18.96
N GLN A 407 -14.23 21.31 -18.78
CA GLN A 407 -15.23 21.71 -17.80
C GLN A 407 -14.69 21.67 -16.37
N LEU A 408 -14.17 20.51 -15.98
CA LEU A 408 -13.94 20.22 -14.58
C LEU A 408 -12.57 20.64 -14.03
N LEU A 409 -11.58 20.69 -14.91
CA LEU A 409 -10.24 21.03 -14.45
C LEU A 409 -9.86 22.44 -14.89
N GLY A 410 -10.79 23.12 -15.55
CA GLY A 410 -10.56 24.49 -15.99
C GLY A 410 -9.33 24.64 -16.87
N VAL A 411 -9.04 23.61 -17.67
CA VAL A 411 -7.94 23.68 -18.62
C VAL A 411 -8.44 24.23 -19.94
N GLU A 412 -7.51 24.67 -20.78
CA GLU A 412 -7.85 25.23 -22.08
C GLU A 412 -7.48 24.27 -23.20
N GLY A 413 -8.48 23.83 -23.95
CA GLY A 413 -8.27 22.91 -25.05
C GLY A 413 -7.19 23.36 -26.00
N ARG A 414 -6.07 22.64 -25.98
CA ARG A 414 -4.92 23.00 -26.80
C ARG A 414 -4.78 22.04 -27.97
N PHE A 415 -4.88 20.74 -27.68
CA PHE A 415 -4.78 19.70 -28.70
C PHE A 415 -3.45 19.77 -29.44
#